data_4BWR
#
_entry.id   4BWR
#
_cell.length_a   48.940
_cell.length_b   58.520
_cell.length_c   88.350
_cell.angle_alpha   90.00
_cell.angle_beta   103.82
_cell.angle_gamma   90.00
#
_symmetry.space_group_name_H-M   'P 1 21 1'
#
loop_
_entity.id
_entity.type
_entity.pdbx_description
1 polymer 'PROTEIN CORRESPONDING TO LOCUS C5321 FROM CFT073 E.COLI STRAIN'
2 non-polymer 'MAGNESIUM ION'
3 non-polymer 'CHLORIDE ION'
4 non-polymer 1,2-ETHANEDIOL
5 water water
#
_entity_poly.entity_id   1
_entity_poly.type   'polypeptide(L)'
_entity_poly.pdbx_seq_one_letter_code
;NVNLEQLKQKAESGEAKAQLELGYRYFQGNETTKDLTQA(MSE)DWFRRAAEQGYTPAEYVLGLRY(MSE)NGEGVPQDY
AQAVIWYKKAALKGLPQAQQNLGV(MSE)YHEGNGVKVDKAESVKWFRLAAEQGRDSGQQS(MSE)GDAYFEGDGVTRDY
V(MSE)AREWYSKAAEQGNVWSCNQLGY(MSE)YSRGLGVERNDAISAQWYRKSATSGDELGQLHLAD(MSE)YYFGIGV
TQDYTQSRVLFSQSAEQGNSIAQFRLGYILEQGLAGAKEPLKALEWYRKSAEQGNSDGQYYLAHLYDKGAEGVAKNREQA
ISWYTKSAEQGDATAQANLGAIYFRLGSEEEHKKAVEWFRKAAAKGEKAAQFNLGNALLQGKGVKKDEQQAAIW(MSE)R
KAAEQGLSAAQVQLGEIYYYGLGVERDYVQAWAWFDTASTND(MSE)NLFGTENRNITEKKLTAKQLQQAELLSQQYIEK
YAPEAWAR(MSE)QKLKAQSAVKTGNK
;
_entity_poly.pdbx_strand_id   A
#
loop_
_chem_comp.id
_chem_comp.type
_chem_comp.name
_chem_comp.formula
CL non-polymer 'CHLORIDE ION' 'Cl -1'
EDO non-polymer 1,2-ETHANEDIOL 'C2 H6 O2'
MG non-polymer 'MAGNESIUM ION' 'Mg 2'
#
# COMPACT_ATOMS: atom_id res chain seq x y z
N ASN A 1 6.33 21.79 -46.00
CA ASN A 1 5.73 22.99 -46.66
C ASN A 1 6.75 23.76 -47.51
N VAL A 2 7.63 24.48 -46.86
CA VAL A 2 8.64 25.29 -47.55
C VAL A 2 9.96 25.20 -46.82
N ASN A 3 11.05 25.44 -47.55
CA ASN A 3 12.38 25.32 -46.96
C ASN A 3 12.76 26.54 -46.14
N LEU A 4 13.99 26.51 -45.62
CA LEU A 4 14.46 27.55 -44.72
C LEU A 4 14.52 28.92 -45.37
N GLU A 5 15.05 28.97 -46.60
CA GLU A 5 15.24 30.24 -47.29
C GLU A 5 13.90 30.87 -47.64
N GLN A 6 12.96 30.04 -48.09
CA GLN A 6 11.61 30.52 -48.37
C GLN A 6 10.96 30.98 -47.08
N LEU A 7 11.20 30.25 -46.00
CA LEU A 7 10.63 30.63 -44.71
C LEU A 7 11.23 31.96 -44.25
N LYS A 8 12.55 32.11 -44.41
CA LYS A 8 13.22 33.36 -44.09
C LYS A 8 12.60 34.54 -44.83
N GLN A 9 12.28 34.31 -46.10
CA GLN A 9 11.75 35.39 -46.92
C GLN A 9 10.39 35.83 -46.36
N LYS A 10 9.58 34.86 -45.97
CA LYS A 10 8.29 35.15 -45.37
C LYS A 10 8.45 35.90 -44.04
N ALA A 11 9.41 35.45 -43.24
CA ALA A 11 9.65 36.05 -41.92
C ALA A 11 10.10 37.50 -42.06
N GLU A 12 11.07 37.72 -42.93
CA GLU A 12 11.58 39.07 -43.18
C GLU A 12 10.49 39.98 -43.75
N SER A 13 9.55 39.38 -44.47
CA SER A 13 8.41 40.12 -45.01
C SER A 13 7.44 40.55 -43.91
N GLY A 14 7.59 39.98 -42.72
CA GLY A 14 6.79 40.39 -41.57
C GLY A 14 5.70 39.45 -41.14
N GLU A 15 5.68 38.23 -41.67
CA GLU A 15 4.64 37.25 -41.31
C GLU A 15 4.99 36.59 -39.97
N ALA A 16 4.18 36.86 -38.96
CA ALA A 16 4.47 36.39 -37.60
C ALA A 16 4.52 34.86 -37.50
N LYS A 17 3.61 34.18 -38.20
CA LYS A 17 3.58 32.73 -38.16
C LYS A 17 4.89 32.15 -38.69
N ALA A 18 5.40 32.75 -39.76
CA ALA A 18 6.65 32.33 -40.37
C ALA A 18 7.84 32.67 -39.48
N GLN A 19 7.75 33.77 -38.75
CA GLN A 19 8.80 34.17 -37.82
C GLN A 19 8.92 33.16 -36.68
N LEU A 20 7.79 32.76 -36.12
CA LEU A 20 7.79 31.76 -35.06
C LEU A 20 8.33 30.42 -35.57
N GLU A 21 7.87 29.96 -36.74
CA GLU A 21 8.34 28.71 -37.29
CA GLU A 21 8.34 28.71 -37.29
C GLU A 21 9.83 28.74 -37.57
N LEU A 22 10.32 29.86 -38.09
CA LEU A 22 11.75 30.00 -38.35
C LEU A 22 12.54 29.94 -37.05
N GLY A 23 12.03 30.61 -36.02
CA GLY A 23 12.61 30.52 -34.69
C GLY A 23 12.77 29.07 -34.28
N TYR A 24 11.74 28.25 -34.51
CA TYR A 24 11.80 26.86 -34.12
C TYR A 24 12.78 26.03 -34.95
N ARG A 25 12.99 26.41 -36.21
CA ARG A 25 13.97 25.72 -37.03
C ARG A 25 15.35 25.91 -36.39
N TYR A 26 15.66 27.13 -35.93
CA TYR A 26 16.91 27.39 -35.25
C TYR A 26 16.96 26.74 -33.87
N PHE A 27 15.80 26.67 -33.21
CA PHE A 27 15.73 26.12 -31.86
C PHE A 27 15.95 24.61 -31.84
N GLN A 28 15.40 23.92 -32.83
CA GLN A 28 15.42 22.45 -32.90
CA GLN A 28 15.47 22.47 -32.83
C GLN A 28 16.67 21.94 -33.60
N GLY A 29 17.25 22.76 -34.46
CA GLY A 29 18.43 22.40 -35.21
C GLY A 29 18.34 21.23 -36.18
N ASN A 30 17.25 21.11 -36.95
CA ASN A 30 17.12 20.01 -37.91
C ASN A 30 17.56 20.36 -39.34
N GLU A 31 17.05 21.47 -39.85
CA GLU A 31 17.33 21.91 -41.22
CA GLU A 31 17.35 21.89 -41.22
C GLU A 31 18.50 22.89 -41.22
N THR A 32 18.88 23.34 -40.03
CA THR A 32 19.94 24.30 -39.86
C THR A 32 20.60 23.99 -38.53
N THR A 33 21.82 24.46 -38.33
CA THR A 33 22.51 24.21 -37.09
C THR A 33 21.76 24.91 -35.98
N LYS A 34 21.57 24.20 -34.86
CA LYS A 34 20.91 24.79 -33.70
C LYS A 34 21.59 26.10 -33.32
N ASP A 35 20.80 27.14 -33.10
CA ASP A 35 21.33 28.47 -32.81
C ASP A 35 20.32 29.20 -31.94
N LEU A 36 20.58 29.22 -30.63
CA LEU A 36 19.63 29.78 -29.68
C LEU A 36 19.51 31.28 -29.81
N THR A 37 20.57 31.94 -30.29
CA THR A 37 20.54 33.37 -30.50
C THR A 37 19.55 33.71 -31.59
N GLN A 38 19.69 33.05 -32.73
CA GLN A 38 18.77 33.24 -33.85
C GLN A 38 17.35 32.78 -33.50
N ALA A 39 17.24 31.71 -32.72
CA ALA A 39 15.92 31.24 -32.32
C ALA A 39 15.20 32.32 -31.50
N MSE A 40 15.88 32.86 -30.49
CA MSE A 40 15.28 33.90 -29.65
C MSE A 40 14.91 35.13 -30.48
O MSE A 40 13.85 35.72 -30.28
CB MSE A 40 16.24 34.32 -28.53
CG MSE A 40 16.43 33.28 -27.44
SE MSE A 40 14.78 32.76 -26.58
CE MSE A 40 14.06 34.51 -26.09
N ASP A 41 15.80 35.53 -31.38
CA ASP A 41 15.57 36.72 -32.19
C ASP A 41 14.28 36.62 -32.97
N TRP A 42 14.05 35.47 -33.60
CA TRP A 42 12.81 35.29 -34.37
C TRP A 42 11.58 35.07 -33.49
N PHE A 43 11.74 34.38 -32.35
CA PHE A 43 10.63 34.28 -31.40
C PHE A 43 10.22 35.69 -30.99
N ARG A 44 11.21 36.52 -30.68
CA ARG A 44 10.93 37.87 -30.22
C ARG A 44 10.29 38.74 -31.31
N ARG A 45 10.71 38.55 -32.56
CA ARG A 45 10.11 39.30 -33.68
C ARG A 45 8.63 38.98 -33.86
N ALA A 46 8.26 37.70 -33.70
CA ALA A 46 6.87 37.31 -33.82
C ALA A 46 6.06 37.88 -32.65
N ALA A 47 6.62 37.82 -31.46
CA ALA A 47 5.93 38.35 -30.27
C ALA A 47 5.76 39.87 -30.34
N GLU A 48 6.68 40.53 -31.04
CA GLU A 48 6.61 41.97 -31.17
CA GLU A 48 6.61 41.99 -31.23
C GLU A 48 5.27 42.37 -31.80
N GLN A 49 4.77 41.53 -32.69
CA GLN A 49 3.50 41.78 -33.37
C GLN A 49 2.31 41.35 -32.53
N GLY A 50 2.55 40.97 -31.28
CA GLY A 50 1.49 40.49 -30.42
C GLY A 50 0.97 39.14 -30.88
N TYR A 51 1.80 38.37 -31.57
CA TYR A 51 1.38 37.04 -32.02
C TYR A 51 1.32 36.11 -30.81
N THR A 52 0.11 35.73 -30.43
CA THR A 52 -0.14 35.04 -29.16
C THR A 52 0.71 33.78 -28.92
N PRO A 53 0.83 32.91 -29.93
CA PRO A 53 1.65 31.71 -29.70
C PRO A 53 3.13 32.03 -29.41
N ALA A 54 3.65 33.08 -30.03
CA ALA A 54 5.04 33.46 -29.81
C ALA A 54 5.24 34.03 -28.41
N GLU A 55 4.25 34.75 -27.89
CA GLU A 55 4.35 35.28 -26.54
C GLU A 55 4.44 34.13 -25.55
N TYR A 56 3.59 33.12 -25.76
CA TYR A 56 3.61 31.91 -24.95
C TYR A 56 4.97 31.22 -25.01
N VAL A 57 5.54 31.12 -26.19
CA VAL A 57 6.86 30.51 -26.35
C VAL A 57 7.94 31.26 -25.58
N LEU A 58 7.91 32.60 -25.60
CA LEU A 58 8.89 33.33 -24.82
C LEU A 58 8.72 33.02 -23.33
N GLY A 59 7.47 32.84 -22.92
CA GLY A 59 7.17 32.40 -21.56
C GLY A 59 7.90 31.09 -21.24
N LEU A 60 7.81 30.13 -22.15
CA LEU A 60 8.50 28.84 -21.96
C LEU A 60 10.01 29.03 -21.88
N ARG A 61 10.55 29.86 -22.76
CA ARG A 61 12.00 30.02 -22.80
C ARG A 61 12.51 30.67 -21.51
N TYR A 62 11.80 31.68 -21.00
CA TYR A 62 12.21 32.29 -19.74
C TYR A 62 11.96 31.36 -18.54
N MSE A 63 10.92 30.55 -18.63
CA MSE A 63 10.60 29.65 -17.53
C MSE A 63 11.70 28.59 -17.41
O MSE A 63 12.13 28.25 -16.31
CB MSE A 63 9.24 28.96 -17.73
CG MSE A 63 8.87 28.04 -16.59
SE MSE A 63 7.21 27.07 -16.87
CE MSE A 63 7.75 25.93 -18.34
N ASN A 64 12.15 28.09 -18.56
CA ASN A 64 13.13 27.01 -18.60
C ASN A 64 14.57 27.48 -18.67
N GLY A 65 14.78 28.77 -18.92
CA GLY A 65 16.12 29.30 -19.10
C GLY A 65 16.80 28.79 -20.36
N GLU A 66 16.04 28.74 -21.45
CA GLU A 66 16.51 28.21 -22.72
C GLU A 66 16.80 29.35 -23.70
N GLY A 67 18.07 29.67 -23.87
CA GLY A 67 18.47 30.76 -24.75
C GLY A 67 18.46 32.10 -24.05
N VAL A 68 18.00 32.09 -22.81
CA VAL A 68 17.99 33.27 -21.95
C VAL A 68 18.20 32.82 -20.53
N PRO A 69 18.59 33.75 -19.64
CA PRO A 69 18.67 33.40 -18.22
C PRO A 69 17.29 33.02 -17.70
N GLN A 70 17.19 31.94 -16.93
CA GLN A 70 15.92 31.56 -16.33
C GLN A 70 15.41 32.74 -15.52
N ASP A 71 14.12 33.04 -15.66
CA ASP A 71 13.53 34.19 -15.00
C ASP A 71 12.04 33.97 -14.92
N TYR A 72 11.59 33.42 -13.79
CA TYR A 72 10.17 33.11 -13.62
C TYR A 72 9.29 34.34 -13.70
N ALA A 73 9.77 35.45 -13.13
CA ALA A 73 8.97 36.66 -13.12
C ALA A 73 8.70 37.11 -14.56
N GLN A 74 9.71 37.07 -15.41
CA GLN A 74 9.50 37.48 -16.79
CA GLN A 74 9.54 37.45 -16.81
C GLN A 74 8.63 36.46 -17.54
N ALA A 75 8.79 35.18 -17.22
CA ALA A 75 7.95 34.15 -17.84
C ALA A 75 6.48 34.45 -17.58
N VAL A 76 6.16 34.83 -16.35
CA VAL A 76 4.80 35.18 -15.98
C VAL A 76 4.21 36.29 -16.83
N ILE A 77 5.02 37.32 -17.10
CA ILE A 77 4.56 38.45 -17.90
C ILE A 77 4.16 37.97 -19.31
N TRP A 78 5.01 37.14 -19.91
CA TRP A 78 4.71 36.63 -21.24
C TRP A 78 3.50 35.71 -21.25
N TYR A 79 3.42 34.82 -20.26
CA TYR A 79 2.27 33.92 -20.18
C TYR A 79 0.98 34.71 -20.04
N LYS A 80 1.00 35.74 -19.21
CA LYS A 80 -0.19 36.52 -18.99
C LYS A 80 -0.66 37.22 -20.26
N LYS A 81 0.28 37.73 -21.05
CA LYS A 81 -0.10 38.32 -22.34
C LYS A 81 -0.94 37.32 -23.16
N ALA A 82 -0.43 36.11 -23.28
CA ALA A 82 -1.08 35.09 -24.11
C ALA A 82 -2.32 34.54 -23.41
N ALA A 83 -2.27 34.43 -22.09
CA ALA A 83 -3.41 33.86 -21.36
C ALA A 83 -4.61 34.79 -21.43
N LEU A 84 -4.36 36.09 -21.39
CA LEU A 84 -5.43 37.07 -21.45
C LEU A 84 -6.15 37.03 -22.79
N LYS A 85 -5.45 36.57 -23.80
CA LYS A 85 -6.02 36.41 -25.14
C LYS A 85 -6.56 35.01 -25.38
N GLY A 86 -6.63 34.21 -24.33
CA GLY A 86 -7.32 32.93 -24.37
C GLY A 86 -6.53 31.69 -24.73
N LEU A 87 -5.20 31.78 -24.82
CA LEU A 87 -4.42 30.61 -25.21
C LEU A 87 -4.40 29.61 -24.05
N PRO A 88 -4.94 28.40 -24.25
CA PRO A 88 -5.10 27.48 -23.11
C PRO A 88 -3.80 27.09 -22.41
N GLN A 89 -2.76 26.79 -23.17
CA GLN A 89 -1.49 26.40 -22.59
C GLN A 89 -0.88 27.50 -21.75
N ALA A 90 -1.12 28.75 -22.12
CA ALA A 90 -0.57 29.88 -21.35
C ALA A 90 -1.36 30.04 -20.05
N GLN A 91 -2.66 29.79 -20.12
CA GLN A 91 -3.51 29.84 -18.93
C GLN A 91 -3.06 28.78 -17.94
N GLN A 92 -2.85 27.57 -18.43
CA GLN A 92 -2.40 26.47 -17.59
C GLN A 92 -1.06 26.78 -16.93
N ASN A 93 -0.10 27.24 -17.72
CA ASN A 93 1.22 27.48 -17.17
C ASN A 93 1.18 28.62 -16.16
N LEU A 94 0.39 29.66 -16.46
CA LEU A 94 0.24 30.78 -15.54
C LEU A 94 -0.35 30.29 -14.23
N GLY A 95 -1.33 29.41 -14.32
CA GLY A 95 -1.92 28.81 -13.13
C GLY A 95 -0.89 28.07 -12.30
N VAL A 96 0.00 27.32 -12.97
CA VAL A 96 1.06 26.62 -12.26
C VAL A 96 2.00 27.59 -11.55
N MSE A 97 2.35 28.70 -12.20
N MSE A 97 2.35 28.70 -12.20
CA MSE A 97 3.25 29.69 -11.62
CA MSE A 97 3.26 29.68 -11.62
C MSE A 97 2.66 30.20 -10.30
C MSE A 97 2.66 30.23 -10.32
O MSE A 97 3.36 30.31 -9.29
O MSE A 97 3.38 30.41 -9.32
CB MSE A 97 3.49 30.90 -12.53
CB MSE A 97 3.54 30.84 -12.59
CG MSE A 97 3.83 30.61 -14.00
CG MSE A 97 4.16 30.43 -13.92
SE MSE A 97 5.63 30.04 -14.44
SE MSE A 97 5.77 29.35 -13.74
CE MSE A 97 5.62 28.22 -13.71
CE MSE A 97 7.08 30.77 -13.73
N TYR A 98 1.36 30.51 -10.32
CA TYR A 98 0.68 31.01 -9.14
C TYR A 98 0.58 29.94 -8.05
N HIS A 99 0.41 28.69 -8.47
CA HIS A 99 0.26 27.60 -7.50
C HIS A 99 1.57 27.36 -6.76
N GLU A 100 2.68 27.50 -7.48
CA GLU A 100 4.02 27.23 -6.96
C GLU A 100 4.69 28.46 -6.37
N GLY A 101 4.16 29.64 -6.67
CA GLY A 101 4.83 30.88 -6.29
C GLY A 101 6.13 31.07 -7.06
N ASN A 102 6.11 30.72 -8.34
CA ASN A 102 7.26 30.90 -9.21
C ASN A 102 7.12 32.19 -9.99
N GLY A 103 7.94 33.18 -9.65
CA GLY A 103 7.92 34.47 -10.31
C GLY A 103 6.85 35.39 -9.77
N VAL A 104 6.01 34.86 -8.88
CA VAL A 104 4.94 35.62 -8.23
C VAL A 104 4.76 35.03 -6.84
N LYS A 105 4.15 35.78 -5.92
CA LYS A 105 3.81 35.21 -4.62
C LYS A 105 2.77 34.12 -4.83
N VAL A 106 2.85 33.04 -4.04
CA VAL A 106 1.83 31.99 -4.09
C VAL A 106 0.44 32.61 -3.97
N ASP A 107 -0.47 32.18 -4.85
CA ASP A 107 -1.85 32.63 -4.80
C ASP A 107 -2.71 31.49 -5.32
N LYS A 108 -3.24 30.68 -4.41
CA LYS A 108 -3.93 29.46 -4.81
CA LYS A 108 -3.95 29.46 -4.78
C LYS A 108 -5.27 29.76 -5.47
N ALA A 109 -5.99 30.76 -4.98
CA ALA A 109 -7.25 31.16 -5.61
C ALA A 109 -6.98 31.65 -7.04
N GLU A 110 -5.88 32.36 -7.24
CA GLU A 110 -5.55 32.86 -8.57
C GLU A 110 -5.18 31.68 -9.48
N SER A 111 -4.49 30.68 -8.93
CA SER A 111 -4.12 29.51 -9.73
C SER A 111 -5.38 28.85 -10.29
N VAL A 112 -6.41 28.76 -9.44
CA VAL A 112 -7.66 28.12 -9.85
C VAL A 112 -8.34 28.90 -10.96
N LYS A 113 -8.30 30.24 -10.91
CA LYS A 113 -8.88 31.05 -11.99
C LYS A 113 -8.33 30.62 -13.33
N TRP A 114 -7.01 30.47 -13.40
CA TRP A 114 -6.33 30.15 -14.65
C TRP A 114 -6.49 28.69 -15.05
N PHE A 115 -6.38 27.77 -14.10
CA PHE A 115 -6.64 26.36 -14.42
C PHE A 115 -8.05 26.20 -14.98
N ARG A 116 -9.00 26.94 -14.41
CA ARG A 116 -10.40 26.83 -14.82
C ARG A 116 -10.60 27.25 -16.27
N LEU A 117 -9.94 28.34 -16.67
CA LEU A 117 -10.03 28.80 -18.05
C LEU A 117 -9.44 27.77 -19.01
N ALA A 118 -8.31 27.18 -18.65
CA ALA A 118 -7.71 26.16 -19.50
C ALA A 118 -8.60 24.93 -19.53
N ALA A 119 -9.16 24.59 -18.38
CA ALA A 119 -10.03 23.41 -18.27
C ALA A 119 -11.32 23.58 -19.07
N GLU A 120 -11.88 24.79 -19.04
CA GLU A 120 -13.12 25.05 -19.75
C GLU A 120 -12.91 24.96 -21.26
N GLN A 121 -11.66 25.09 -21.70
CA GLN A 121 -11.34 24.92 -23.12
C GLN A 121 -11.06 23.47 -23.45
N GLY A 122 -11.16 22.61 -22.44
CA GLY A 122 -11.03 21.18 -22.66
C GLY A 122 -9.64 20.60 -22.57
N ARG A 123 -8.66 21.34 -22.06
CA ARG A 123 -7.31 20.81 -21.87
C ARG A 123 -7.28 19.85 -20.67
N ASP A 124 -6.79 18.63 -20.86
CA ASP A 124 -6.87 17.64 -19.80
C ASP A 124 -5.99 18.00 -18.61
N SER A 125 -4.91 18.74 -18.85
CA SER A 125 -4.04 19.16 -17.76
C SER A 125 -4.78 20.15 -16.87
N GLY A 126 -5.55 21.04 -17.50
CA GLY A 126 -6.38 21.98 -16.77
C GLY A 126 -7.47 21.27 -15.99
N GLN A 127 -8.10 20.29 -16.62
CA GLN A 127 -9.14 19.51 -15.96
C GLN A 127 -8.57 18.73 -14.76
N GLN A 128 -7.38 18.17 -14.93
CA GLN A 128 -6.71 17.49 -13.83
C GLN A 128 -6.41 18.46 -12.69
N SER A 129 -5.93 19.64 -13.06
CA SER A 129 -5.60 20.66 -12.07
C SER A 129 -6.83 21.07 -11.27
N MSE A 130 -7.98 21.14 -11.94
CA MSE A 130 -9.22 21.48 -11.27
C MSE A 130 -9.63 20.36 -10.33
O MSE A 130 -10.09 20.60 -9.21
CB MSE A 130 -10.33 21.75 -12.29
CG MSE A 130 -10.14 23.06 -13.06
SE MSE A 130 -10.00 24.64 -11.90
CE MSE A 130 -11.68 24.43 -10.94
N GLY A 131 -9.44 19.12 -10.79
CA GLY A 131 -9.72 17.95 -9.96
C GLY A 131 -8.88 18.00 -8.69
N ASP A 132 -7.58 18.21 -8.85
CA ASP A 132 -6.66 18.28 -7.71
C ASP A 132 -7.04 19.43 -6.77
N ALA A 133 -7.41 20.57 -7.33
CA ALA A 133 -7.79 21.72 -6.52
C ALA A 133 -8.98 21.38 -5.63
N TYR A 134 -10.01 20.76 -6.21
CA TYR A 134 -11.21 20.42 -5.45
C TYR A 134 -10.97 19.25 -4.50
N PHE A 135 -10.04 18.38 -4.86
CA PHE A 135 -9.70 17.24 -4.02
C PHE A 135 -8.95 17.72 -2.77
N GLU A 136 -8.06 18.70 -2.97
CA GLU A 136 -7.21 19.21 -1.92
C GLU A 136 -7.89 20.30 -1.10
N GLY A 137 -8.89 20.95 -1.68
CA GLY A 137 -9.42 22.19 -1.15
C GLY A 137 -8.36 23.29 -1.25
N ASP A 138 -7.75 23.39 -2.43
CA ASP A 138 -6.61 24.29 -2.65
C ASP A 138 -7.01 25.43 -3.58
N GLY A 139 -7.37 26.58 -3.00
CA GLY A 139 -7.83 27.73 -3.78
C GLY A 139 -9.32 27.69 -3.99
N VAL A 140 -9.93 26.59 -3.55
CA VAL A 140 -11.38 26.41 -3.57
C VAL A 140 -11.69 25.58 -2.36
N THR A 141 -12.94 25.59 -1.91
CA THR A 141 -13.35 24.72 -0.82
C THR A 141 -13.37 23.27 -1.33
N ARG A 142 -12.88 22.36 -0.50
CA ARG A 142 -12.82 20.96 -0.88
C ARG A 142 -14.20 20.43 -1.23
N ASP A 143 -14.26 19.70 -2.33
CA ASP A 143 -15.51 19.15 -2.80
C ASP A 143 -15.19 17.93 -3.65
N TYR A 144 -15.34 16.75 -3.07
CA TYR A 144 -15.02 15.50 -3.76
C TYR A 144 -15.95 15.24 -4.94
N VAL A 145 -17.17 15.76 -4.89
CA VAL A 145 -18.08 15.57 -6.01
C VAL A 145 -17.55 16.31 -7.22
N MSE A 146 -17.17 17.57 -7.03
CA MSE A 146 -16.60 18.39 -8.10
CA MSE A 146 -16.65 18.34 -8.14
C MSE A 146 -15.27 17.82 -8.58
O MSE A 146 -14.96 17.85 -9.77
CB MSE A 146 -16.37 19.82 -7.61
CB MSE A 146 -16.65 19.84 -7.82
CG MSE A 146 -17.63 20.63 -7.45
CG MSE A 146 -18.07 20.43 -7.79
SE MSE A 146 -18.66 20.66 -9.11
SE MSE A 146 -18.18 22.38 -7.81
CE MSE A 146 -17.30 21.18 -10.37
CE MSE A 146 -20.11 22.62 -7.60
N ALA A 147 -14.49 17.32 -7.64
CA ALA A 147 -13.19 16.75 -7.99
C ALA A 147 -13.42 15.56 -8.94
N ARG A 148 -14.35 14.68 -8.60
CA ARG A 148 -14.66 13.53 -9.44
C ARG A 148 -15.11 13.96 -10.84
N GLU A 149 -15.93 15.01 -10.90
CA GLU A 149 -16.44 15.48 -12.19
C GLU A 149 -15.31 15.96 -13.10
N TRP A 150 -14.37 16.73 -12.54
CA TRP A 150 -13.25 17.21 -13.32
C TRP A 150 -12.28 16.08 -13.68
N TYR A 151 -11.96 15.21 -12.72
CA TYR A 151 -11.07 14.09 -12.99
C TYR A 151 -11.63 13.21 -14.10
N SER A 152 -12.96 13.03 -14.11
CA SER A 152 -13.60 12.22 -15.14
C SER A 152 -13.36 12.77 -16.53
N LYS A 153 -13.52 14.08 -16.67
CA LYS A 153 -13.26 14.72 -17.96
C LYS A 153 -11.81 14.51 -18.39
N ALA A 154 -10.87 14.69 -17.47
CA ALA A 154 -9.47 14.48 -17.79
C ALA A 154 -9.17 13.01 -18.08
N ALA A 155 -9.73 12.11 -17.27
CA ALA A 155 -9.44 10.68 -17.41
C ALA A 155 -9.97 10.14 -18.74
N GLU A 156 -11.09 10.67 -19.19
CA GLU A 156 -11.69 10.29 -20.47
CA GLU A 156 -11.67 10.25 -20.47
C GLU A 156 -10.74 10.62 -21.62
N GLN A 157 -9.88 11.61 -21.41
CA GLN A 157 -8.93 12.02 -22.43
C GLN A 157 -7.57 11.35 -22.26
N GLY A 158 -7.50 10.42 -21.31
CA GLY A 158 -6.30 9.62 -21.12
C GLY A 158 -5.40 10.09 -19.98
N ASN A 159 -5.85 11.08 -19.22
CA ASN A 159 -5.05 11.55 -18.08
C ASN A 159 -4.96 10.47 -17.01
N VAL A 160 -3.76 9.92 -16.84
CA VAL A 160 -3.51 8.75 -16.00
C VAL A 160 -3.66 9.04 -14.51
N TRP A 161 -3.11 10.17 -14.08
CA TRP A 161 -3.26 10.61 -12.70
C TRP A 161 -4.73 10.66 -12.32
N SER A 162 -5.56 11.18 -13.21
CA SER A 162 -7.00 11.29 -12.93
C SER A 162 -7.65 9.92 -12.82
N CYS A 163 -7.24 8.98 -13.68
CA CYS A 163 -7.70 7.60 -13.58
C CYS A 163 -7.40 7.03 -12.19
N ASN A 164 -6.17 7.23 -11.71
CA ASN A 164 -5.78 6.73 -10.39
C ASN A 164 -6.57 7.40 -9.28
N GLN A 165 -6.82 8.71 -9.41
CA GLN A 165 -7.58 9.41 -8.40
C GLN A 165 -9.02 8.89 -8.36
N LEU A 166 -9.61 8.62 -9.52
CA LEU A 166 -10.96 8.08 -9.54
C LEU A 166 -10.99 6.68 -8.94
N GLY A 167 -9.98 5.88 -9.25
CA GLY A 167 -9.85 4.56 -8.66
C GLY A 167 -9.81 4.67 -7.14
N TYR A 168 -9.05 5.64 -6.66
CA TYR A 168 -8.92 5.87 -5.23
C TYR A 168 -10.25 6.30 -4.61
N MSE A 169 -10.90 7.27 -5.24
CA MSE A 169 -12.12 7.83 -4.67
C MSE A 169 -13.27 6.83 -4.62
O MSE A 169 -14.00 6.77 -3.63
CB MSE A 169 -12.52 9.08 -5.45
CG MSE A 169 -11.51 10.17 -5.29
SE MSE A 169 -11.86 11.66 -6.52
CE MSE A 169 -13.14 12.57 -5.43
N TYR A 170 -13.43 6.05 -5.67
CA TYR A 170 -14.47 5.02 -5.70
C TYR A 170 -14.17 3.91 -4.69
N SER A 171 -12.88 3.67 -4.42
CA SER A 171 -12.50 2.64 -3.44
C SER A 171 -12.77 3.10 -2.01
N ARG A 172 -12.59 4.39 -1.76
CA ARG A 172 -12.71 4.93 -0.40
C ARG A 172 -14.05 5.61 -0.14
N GLY A 173 -14.86 5.79 -1.18
CA GLY A 173 -16.13 6.45 -1.02
C GLY A 173 -16.02 7.97 -0.84
N LEU A 174 -15.16 8.61 -1.63
CA LEU A 174 -14.96 10.05 -1.53
C LEU A 174 -15.80 10.79 -2.56
N GLY A 175 -16.81 11.50 -2.07
CA GLY A 175 -17.72 12.25 -2.92
C GLY A 175 -18.64 11.33 -3.69
N VAL A 176 -18.59 10.04 -3.35
CA VAL A 176 -19.38 9.06 -4.06
C VAL A 176 -19.49 7.82 -3.16
N GLU A 177 -20.52 7.02 -3.37
CA GLU A 177 -20.66 5.80 -2.59
C GLU A 177 -19.56 4.84 -3.00
N ARG A 178 -18.95 4.17 -2.03
CA ARG A 178 -17.91 3.21 -2.36
C ARG A 178 -18.42 2.19 -3.36
N ASN A 179 -17.66 1.99 -4.42
CA ASN A 179 -17.95 0.97 -5.43
C ASN A 179 -16.65 0.39 -5.97
N ASP A 180 -16.29 -0.79 -5.48
CA ASP A 180 -15.04 -1.42 -5.82
C ASP A 180 -14.97 -1.79 -7.30
N ALA A 181 -16.11 -2.16 -7.88
CA ALA A 181 -16.15 -2.49 -9.29
C ALA A 181 -15.81 -1.29 -10.18
N ILE A 182 -16.33 -0.11 -9.83
CA ILE A 182 -16.01 1.06 -10.64
C ILE A 182 -14.57 1.46 -10.38
N SER A 183 -14.14 1.39 -9.13
CA SER A 183 -12.74 1.62 -8.79
C SER A 183 -11.81 0.80 -9.68
N ALA A 184 -12.09 -0.49 -9.78
CA ALA A 184 -11.27 -1.39 -10.61
C ALA A 184 -11.27 -1.00 -12.08
N GLN A 185 -12.39 -0.50 -12.58
CA GLN A 185 -12.46 -0.06 -13.98
C GLN A 185 -11.51 1.12 -14.23
N TRP A 186 -11.47 2.06 -13.30
CA TRP A 186 -10.58 3.21 -13.45
C TRP A 186 -9.12 2.80 -13.31
N TYR A 187 -8.82 1.93 -12.37
CA TYR A 187 -7.45 1.46 -12.21
C TYR A 187 -7.01 0.62 -13.41
N ARG A 188 -7.94 -0.06 -14.07
CA ARG A 188 -7.61 -0.82 -15.26
CA ARG A 188 -7.61 -0.82 -15.26
C ARG A 188 -7.19 0.10 -16.40
N LYS A 189 -7.89 1.21 -16.57
CA LYS A 189 -7.52 2.20 -17.58
C LYS A 189 -6.10 2.69 -17.34
N SER A 190 -5.81 3.01 -16.09
CA SER A 190 -4.46 3.40 -15.70
C SER A 190 -3.45 2.30 -15.99
N ALA A 191 -3.75 1.08 -15.55
CA ALA A 191 -2.80 -0.03 -15.68
C ALA A 191 -2.49 -0.31 -17.16
N THR A 192 -3.52 -0.27 -17.99
CA THR A 192 -3.36 -0.52 -19.42
C THR A 192 -2.50 0.55 -20.09
N SER A 193 -2.49 1.76 -19.53
CA SER A 193 -1.64 2.82 -20.03
C SER A 193 -0.17 2.60 -19.65
N GLY A 194 0.08 1.65 -18.76
CA GLY A 194 1.44 1.32 -18.33
C GLY A 194 1.81 1.91 -16.98
N ASP A 195 0.83 2.39 -16.24
CA ASP A 195 1.11 3.08 -14.98
C ASP A 195 1.38 2.12 -13.84
N GLU A 196 2.50 2.35 -13.16
CA GLU A 196 2.94 1.51 -12.05
C GLU A 196 1.92 1.38 -10.91
N LEU A 197 1.26 2.48 -10.56
CA LEU A 197 0.33 2.47 -9.43
C LEU A 197 -1.03 1.88 -9.80
N GLY A 198 -1.49 2.15 -11.02
CA GLY A 198 -2.69 1.50 -11.52
C GLY A 198 -2.50 -0.01 -11.56
N GLN A 199 -1.34 -0.46 -12.03
CA GLN A 199 -1.03 -1.89 -12.03
C GLN A 199 -1.01 -2.46 -10.62
N LEU A 200 -0.36 -1.74 -9.71
CA LEU A 200 -0.28 -2.17 -8.32
C LEU A 200 -1.66 -2.39 -7.71
N HIS A 201 -2.51 -1.37 -7.81
CA HIS A 201 -3.83 -1.41 -7.18
C HIS A 201 -4.73 -2.45 -7.84
N LEU A 202 -4.71 -2.53 -9.16
CA LEU A 202 -5.54 -3.53 -9.83
C LEU A 202 -5.07 -4.93 -9.48
N ALA A 203 -3.75 -5.12 -9.41
CA ALA A 203 -3.19 -6.41 -9.00
C ALA A 203 -3.72 -6.84 -7.63
N ASP A 204 -3.75 -5.90 -6.70
CA ASP A 204 -4.18 -6.18 -5.35
C ASP A 204 -5.65 -6.57 -5.36
N MSE A 205 -6.43 -5.93 -6.22
CA MSE A 205 -7.84 -6.21 -6.34
C MSE A 205 -8.10 -7.61 -6.92
O MSE A 205 -9.00 -8.33 -6.45
CB MSE A 205 -8.53 -5.11 -7.13
CG MSE A 205 -8.49 -3.81 -6.37
SE MSE A 205 -8.97 -2.23 -7.41
CE MSE A 205 -10.77 -2.01 -6.69
N TYR A 206 -7.30 -8.03 -7.90
CA TYR A 206 -7.42 -9.40 -8.40
C TYR A 206 -6.95 -10.42 -7.37
N TYR A 207 -6.00 -10.03 -6.53
CA TYR A 207 -5.50 -10.93 -5.51
C TYR A 207 -6.60 -11.28 -4.49
N PHE A 208 -7.37 -10.28 -4.07
CA PHE A 208 -8.38 -10.46 -3.03
C PHE A 208 -9.82 -10.53 -3.52
N GLY A 209 -10.02 -10.35 -4.82
CA GLY A 209 -11.34 -10.35 -5.40
C GLY A 209 -12.16 -9.14 -4.97
N ILE A 210 -11.52 -7.97 -5.03
CA ILE A 210 -12.16 -6.71 -4.66
C ILE A 210 -12.55 -5.95 -5.92
N GLY A 211 -13.85 -5.93 -6.22
CA GLY A 211 -14.34 -5.23 -7.39
C GLY A 211 -14.17 -6.03 -8.67
N VAL A 212 -13.45 -7.13 -8.58
CA VAL A 212 -13.21 -8.03 -9.70
C VAL A 212 -13.21 -9.45 -9.17
N THR A 213 -13.34 -10.40 -10.08
CA THR A 213 -13.21 -11.81 -9.75
C THR A 213 -11.79 -12.09 -9.29
N GLN A 214 -11.64 -12.84 -8.20
CA GLN A 214 -10.32 -13.21 -7.72
CA GLN A 214 -10.34 -13.24 -7.70
C GLN A 214 -9.60 -14.03 -8.78
N ASP A 215 -8.36 -13.65 -9.07
CA ASP A 215 -7.63 -14.29 -10.15
C ASP A 215 -6.14 -14.07 -9.95
N TYR A 216 -5.47 -15.09 -9.42
CA TYR A 216 -4.04 -14.97 -9.10
C TYR A 216 -3.17 -14.80 -10.33
N THR A 217 -3.63 -15.29 -11.48
CA THR A 217 -2.88 -15.13 -12.72
C THR A 217 -2.86 -13.67 -13.17
N GLN A 218 -4.01 -13.02 -13.14
CA GLN A 218 -4.08 -11.59 -13.45
C GLN A 218 -3.28 -10.81 -12.41
N SER A 219 -3.39 -11.21 -11.15
CA SER A 219 -2.65 -10.54 -10.08
C SER A 219 -1.14 -10.63 -10.33
N ARG A 220 -0.67 -11.82 -10.68
CA ARG A 220 0.74 -12.05 -10.97
CA ARG A 220 0.74 -12.05 -10.97
C ARG A 220 1.23 -11.15 -12.11
N VAL A 221 0.48 -11.12 -13.20
CA VAL A 221 0.89 -10.33 -14.35
C VAL A 221 0.96 -8.84 -13.99
N LEU A 222 -0.08 -8.34 -13.32
CA LEU A 222 -0.11 -6.91 -12.98
C LEU A 222 0.95 -6.54 -11.93
N PHE A 223 1.14 -7.38 -10.93
CA PHE A 223 2.20 -7.13 -9.96
C PHE A 223 3.55 -7.15 -10.67
N SER A 224 3.72 -8.07 -11.63
CA SER A 224 4.96 -8.14 -12.39
C SER A 224 5.23 -6.85 -13.16
N GLN A 225 4.21 -6.31 -13.81
CA GLN A 225 4.37 -5.07 -14.55
C GLN A 225 4.78 -3.91 -13.66
N SER A 226 4.23 -3.86 -12.45
CA SER A 226 4.51 -2.77 -11.54
C SER A 226 5.90 -2.97 -10.90
N ALA A 227 6.20 -4.23 -10.58
CA ALA A 227 7.47 -4.59 -9.97
C ALA A 227 8.64 -4.32 -10.92
N GLU A 228 8.43 -4.57 -12.21
CA GLU A 228 9.47 -4.32 -13.20
C GLU A 228 9.78 -2.83 -13.32
N GLN A 229 8.85 -1.98 -12.90
CA GLN A 229 9.06 -0.53 -12.89
C GLN A 229 9.67 -0.06 -11.57
N GLY A 230 9.91 -1.00 -10.65
CA GLY A 230 10.65 -0.72 -9.42
C GLY A 230 9.79 -0.60 -8.16
N ASN A 231 8.50 -0.88 -8.26
CA ASN A 231 7.62 -0.69 -7.12
C ASN A 231 7.87 -1.72 -6.02
N SER A 232 8.29 -1.26 -4.84
CA SER A 232 8.74 -2.19 -3.80
C SER A 232 7.61 -3.04 -3.23
N ILE A 233 6.38 -2.54 -3.29
CA ILE A 233 5.23 -3.29 -2.79
C ILE A 233 4.93 -4.41 -3.79
N ALA A 234 4.82 -4.04 -5.06
CA ALA A 234 4.57 -5.01 -6.11
C ALA A 234 5.64 -6.11 -6.08
N GLN A 235 6.88 -5.74 -5.79
CA GLN A 235 7.97 -6.72 -5.75
C GLN A 235 7.75 -7.80 -4.69
N PHE A 236 7.39 -7.44 -3.45
CA PHE A 236 7.21 -8.49 -2.46
C PHE A 236 5.90 -9.24 -2.67
N ARG A 237 4.88 -8.56 -3.21
CA ARG A 237 3.60 -9.22 -3.45
C ARG A 237 3.74 -10.24 -4.56
N LEU A 238 4.51 -9.89 -5.60
CA LEU A 238 4.82 -10.84 -6.66
C LEU A 238 5.63 -12.00 -6.08
N GLY A 239 6.60 -11.68 -5.23
CA GLY A 239 7.44 -12.69 -4.62
C GLY A 239 6.60 -13.73 -3.89
N TYR A 240 5.60 -13.27 -3.16
CA TYR A 240 4.74 -14.15 -2.38
C TYR A 240 3.90 -15.05 -3.29
N ILE A 241 3.38 -14.49 -4.37
CA ILE A 241 2.64 -15.27 -5.37
C ILE A 241 3.54 -16.39 -5.91
N LEU A 242 4.79 -16.06 -6.16
CA LEU A 242 5.74 -17.03 -6.72
C LEU A 242 6.12 -18.08 -5.68
N GLU A 243 6.40 -17.65 -4.46
CA GLU A 243 6.83 -18.59 -3.41
C GLU A 243 5.75 -19.59 -3.13
N GLN A 244 4.50 -19.14 -3.13
CA GLN A 244 3.37 -19.99 -2.73
C GLN A 244 2.75 -20.75 -3.90
N GLY A 245 3.23 -20.49 -5.11
CA GLY A 245 2.72 -21.13 -6.30
C GLY A 245 1.23 -20.86 -6.53
N LEU A 246 0.81 -19.62 -6.33
CA LEU A 246 -0.61 -19.28 -6.46
C LEU A 246 -1.06 -19.19 -7.91
N ALA A 247 -0.12 -18.96 -8.82
CA ALA A 247 -0.42 -18.79 -10.25
C ALA A 247 0.62 -19.54 -11.08
N GLY A 248 0.95 -20.73 -10.63
CA GLY A 248 1.98 -21.53 -11.29
C GLY A 248 2.63 -22.45 -10.29
N ALA A 249 3.72 -23.09 -10.70
CA ALA A 249 4.47 -23.92 -9.79
C ALA A 249 5.17 -23.00 -8.80
N LYS A 250 5.48 -23.52 -7.63
CA LYS A 250 6.23 -22.74 -6.64
C LYS A 250 7.61 -22.42 -7.21
N GLU A 251 8.02 -21.16 -7.03
CA GLU A 251 9.30 -20.67 -7.55
C GLU A 251 10.01 -19.90 -6.44
N PRO A 252 10.51 -20.63 -5.42
CA PRO A 252 11.10 -19.97 -4.25
C PRO A 252 12.38 -19.19 -4.55
N LEU A 253 13.18 -19.64 -5.51
CA LEU A 253 14.41 -18.90 -5.84
C LEU A 253 14.08 -17.57 -6.52
N LYS A 254 13.10 -17.59 -7.41
CA LYS A 254 12.66 -16.35 -8.03
C LYS A 254 12.00 -15.43 -6.99
N ALA A 255 11.25 -16.01 -6.06
CA ALA A 255 10.64 -15.25 -4.99
C ALA A 255 11.71 -14.51 -4.18
N LEU A 256 12.77 -15.23 -3.84
CA LEU A 256 13.88 -14.66 -3.07
CA LEU A 256 13.87 -14.65 -3.07
C LEU A 256 14.40 -13.39 -3.74
N GLU A 257 14.60 -13.47 -5.05
CA GLU A 257 15.14 -12.33 -5.79
CA GLU A 257 15.14 -12.34 -5.80
C GLU A 257 14.22 -11.13 -5.73
N TRP A 258 12.92 -11.34 -5.85
CA TRP A 258 11.97 -10.24 -5.78
C TRP A 258 11.86 -9.70 -4.37
N TYR A 259 11.87 -10.58 -3.36
CA TYR A 259 11.88 -10.10 -1.98
C TYR A 259 13.09 -9.23 -1.74
N ARG A 260 14.23 -9.63 -2.32
CA ARG A 260 15.48 -8.88 -2.11
C ARG A 260 15.38 -7.51 -2.78
N LYS A 261 14.80 -7.45 -3.97
CA LYS A 261 14.59 -6.16 -4.62
C LYS A 261 13.76 -5.22 -3.73
N SER A 262 12.71 -5.78 -3.10
CA SER A 262 11.83 -5.00 -2.24
C SER A 262 12.57 -4.56 -0.99
N ALA A 263 13.28 -5.52 -0.39
CA ALA A 263 13.96 -5.29 0.88
C ALA A 263 15.05 -4.23 0.75
N GLU A 264 15.75 -4.24 -0.38
CA GLU A 264 16.86 -3.32 -0.61
CA GLU A 264 16.86 -3.33 -0.57
C GLU A 264 16.40 -1.89 -0.79
N GLN A 265 15.11 -1.70 -1.06
CA GLN A 265 14.53 -0.37 -1.13
C GLN A 265 14.04 0.10 0.24
N GLY A 266 14.17 -0.75 1.26
CA GLY A 266 13.74 -0.43 2.61
C GLY A 266 12.29 -0.79 2.92
N ASN A 267 11.66 -1.61 2.07
CA ASN A 267 10.31 -2.07 2.34
C ASN A 267 10.29 -3.13 3.44
N SER A 268 9.66 -2.83 4.57
CA SER A 268 9.70 -3.73 5.72
C SER A 268 9.00 -5.06 5.45
N ASP A 269 8.01 -5.07 4.56
CA ASP A 269 7.37 -6.32 4.18
C ASP A 269 8.30 -7.18 3.34
N GLY A 270 8.99 -6.57 2.38
CA GLY A 270 9.98 -7.29 1.60
C GLY A 270 11.06 -7.87 2.50
N GLN A 271 11.46 -7.09 3.50
CA GLN A 271 12.50 -7.51 4.43
C GLN A 271 12.01 -8.70 5.24
N TYR A 272 10.77 -8.64 5.71
CA TYR A 272 10.17 -9.76 6.42
C TYR A 272 10.18 -11.05 5.57
N TYR A 273 9.67 -11.00 4.35
CA TYR A 273 9.53 -12.21 3.55
C TYR A 273 10.87 -12.78 3.13
N LEU A 274 11.84 -11.91 2.89
CA LEU A 274 13.20 -12.35 2.60
C LEU A 274 13.78 -13.08 3.80
N ALA A 275 13.69 -12.46 4.96
CA ALA A 275 14.16 -13.07 6.20
C ALA A 275 13.47 -14.43 6.44
N HIS A 276 12.16 -14.45 6.18
CA HIS A 276 11.37 -15.64 6.46
C HIS A 276 11.83 -16.81 5.57
N LEU A 277 12.20 -16.53 4.33
CA LEU A 277 12.74 -17.59 3.47
C LEU A 277 14.07 -18.13 3.98
N TYR A 278 14.96 -17.23 4.45
CA TYR A 278 16.22 -17.68 5.03
C TYR A 278 16.01 -18.38 6.38
N ASP A 279 14.93 -18.04 7.06
CA ASP A 279 14.59 -18.61 8.36
C ASP A 279 14.10 -20.05 8.18
N LYS A 280 13.11 -20.22 7.32
CA LYS A 280 12.44 -21.52 7.16
C LYS A 280 13.02 -22.37 6.03
N GLY A 281 13.69 -21.71 5.10
CA GLY A 281 14.15 -22.38 3.88
C GLY A 281 13.02 -22.79 2.96
N ALA A 282 13.39 -23.30 1.80
CA ALA A 282 12.44 -23.81 0.83
C ALA A 282 13.23 -24.70 -0.12
N GLU A 283 12.55 -25.29 -1.09
CA GLU A 283 13.23 -26.12 -2.08
C GLU A 283 14.23 -25.26 -2.82
N GLY A 284 15.51 -25.57 -2.64
CA GLY A 284 16.57 -24.85 -3.31
C GLY A 284 17.05 -23.61 -2.59
N VAL A 285 16.46 -23.33 -1.43
CA VAL A 285 16.86 -22.18 -0.60
C VAL A 285 17.30 -22.67 0.77
N ALA A 286 18.61 -22.70 0.97
CA ALA A 286 19.16 -23.13 2.25
C ALA A 286 18.83 -22.14 3.36
N LYS A 287 18.55 -22.67 4.54
CA LYS A 287 18.41 -21.86 5.73
C LYS A 287 19.71 -21.10 5.97
N ASN A 288 19.58 -19.86 6.43
CA ASN A 288 20.74 -19.04 6.72
C ASN A 288 20.41 -18.14 7.91
N ARG A 289 20.95 -18.51 9.07
CA ARG A 289 20.67 -17.80 10.31
C ARG A 289 21.08 -16.33 10.24
N GLU A 290 22.28 -16.06 9.72
CA GLU A 290 22.79 -14.70 9.70
C GLU A 290 21.91 -13.80 8.85
N GLN A 291 21.54 -14.28 7.66
CA GLN A 291 20.66 -13.50 6.78
C GLN A 291 19.26 -13.33 7.38
N ALA A 292 18.72 -14.39 7.99
CA ALA A 292 17.41 -14.30 8.62
C ALA A 292 17.44 -13.23 9.71
N ILE A 293 18.46 -13.27 10.54
CA ILE A 293 18.57 -12.29 11.63
C ILE A 293 18.74 -10.87 11.10
N SER A 294 19.60 -10.72 10.10
CA SER A 294 19.88 -9.40 9.56
CA SER A 294 19.89 -9.40 9.57
C SER A 294 18.63 -8.76 8.98
N TRP A 295 17.89 -9.52 8.17
CA TRP A 295 16.72 -8.95 7.51
C TRP A 295 15.50 -8.83 8.44
N TYR A 296 15.33 -9.76 9.38
CA TYR A 296 14.30 -9.59 10.38
C TYR A 296 14.59 -8.35 11.23
N THR A 297 15.85 -8.08 11.51
CA THR A 297 16.19 -6.93 12.34
C THR A 297 15.80 -5.63 11.64
N LYS A 298 16.06 -5.52 10.34
CA LYS A 298 15.67 -4.31 9.62
C LYS A 298 14.15 -4.15 9.60
N SER A 299 13.46 -5.26 9.39
CA SER A 299 12.00 -5.26 9.39
C SER A 299 11.45 -4.92 10.78
N ALA A 300 12.01 -5.55 11.80
CA ALA A 300 11.61 -5.30 13.19
C ALA A 300 11.83 -3.84 13.61
N GLU A 301 12.94 -3.28 13.15
CA GLU A 301 13.25 -1.89 13.47
C GLU A 301 12.24 -0.93 12.85
N GLN A 302 11.58 -1.39 11.78
CA GLN A 302 10.52 -0.61 11.13
C GLN A 302 9.13 -0.93 11.68
N GLY A 303 9.09 -1.61 12.81
CA GLY A 303 7.86 -1.88 13.53
C GLY A 303 7.07 -3.10 13.06
N ASP A 304 7.67 -3.97 12.26
CA ASP A 304 6.94 -5.14 11.79
C ASP A 304 6.86 -6.15 12.93
N ALA A 305 5.65 -6.36 13.45
CA ALA A 305 5.48 -7.18 14.65
C ALA A 305 5.74 -8.65 14.38
N THR A 306 5.49 -9.09 13.14
CA THR A 306 5.77 -10.46 12.75
C THR A 306 7.28 -10.69 12.77
N ALA A 307 8.03 -9.75 12.22
CA ALA A 307 9.48 -9.81 12.24
C ALA A 307 10.03 -9.79 13.67
N GLN A 308 9.48 -8.91 14.50
CA GLN A 308 9.88 -8.83 15.90
C GLN A 308 9.71 -10.17 16.63
N ALA A 309 8.55 -10.79 16.43
CA ALA A 309 8.26 -12.10 17.02
C ALA A 309 9.21 -13.16 16.52
N ASN A 310 9.46 -13.16 15.20
CA ASN A 310 10.27 -14.20 14.61
C ASN A 310 11.75 -14.06 14.92
N LEU A 311 12.21 -12.82 15.05
CA LEU A 311 13.58 -12.55 15.45
C LEU A 311 13.81 -13.03 16.88
N GLY A 312 12.89 -12.67 17.77
CA GLY A 312 12.97 -13.13 19.15
C GLY A 312 12.94 -14.64 19.23
N ALA A 313 12.14 -15.28 18.38
CA ALA A 313 12.04 -16.73 18.43
C ALA A 313 13.34 -17.39 17.99
N ILE A 314 14.02 -16.81 17.00
CA ILE A 314 15.31 -17.35 16.59
C ILE A 314 16.28 -17.32 17.77
N TYR A 315 16.34 -16.19 18.45
CA TYR A 315 17.21 -16.03 19.63
C TYR A 315 16.84 -16.99 20.76
N PHE A 316 15.55 -17.19 21.00
CA PHE A 316 15.15 -18.11 22.07
C PHE A 316 15.55 -19.55 21.74
N ARG A 317 15.42 -19.93 20.49
CA ARG A 317 15.77 -21.29 20.07
C ARG A 317 17.27 -21.52 20.18
N LEU A 318 18.04 -20.50 19.80
CA LEU A 318 19.49 -20.57 19.83
C LEU A 318 20.06 -19.18 19.98
N GLY A 319 20.53 -18.87 21.18
CA GLY A 319 21.06 -17.55 21.47
C GLY A 319 21.76 -17.47 22.81
N SER A 320 22.51 -16.41 22.98
CA SER A 320 23.21 -16.14 24.22
C SER A 320 22.25 -15.55 25.24
N GLU A 321 22.72 -15.37 26.47
CA GLU A 321 21.89 -14.75 27.49
C GLU A 321 21.49 -13.33 27.11
N GLU A 322 22.39 -12.57 26.48
CA GLU A 322 22.02 -11.23 26.05
C GLU A 322 21.02 -11.28 24.90
N GLU A 323 21.15 -12.27 24.02
CA GLU A 323 20.21 -12.42 22.93
C GLU A 323 18.80 -12.76 23.46
N HIS A 324 18.73 -13.50 24.56
CA HIS A 324 17.44 -13.81 25.19
C HIS A 324 16.79 -12.56 25.75
N LYS A 325 17.59 -11.67 26.30
CA LYS A 325 17.07 -10.41 26.81
C LYS A 325 16.57 -9.55 25.66
N LYS A 326 17.34 -9.48 24.57
CA LYS A 326 16.92 -8.76 23.37
C LYS A 326 15.62 -9.35 22.81
N ALA A 327 15.53 -10.68 22.83
CA ALA A 327 14.33 -11.37 22.36
C ALA A 327 13.12 -10.92 23.14
N VAL A 328 13.25 -10.84 24.46
CA VAL A 328 12.15 -10.42 25.30
C VAL A 328 11.73 -8.99 24.96
N GLU A 329 12.70 -8.11 24.72
CA GLU A 329 12.39 -6.73 24.32
C GLU A 329 11.60 -6.68 23.01
N TRP A 330 11.98 -7.53 22.06
CA TRP A 330 11.24 -7.63 20.81
C TRP A 330 9.84 -8.19 21.04
N PHE A 331 9.71 -9.21 21.89
CA PHE A 331 8.40 -9.80 22.16
C PHE A 331 7.51 -8.74 22.79
N ARG A 332 8.08 -7.94 23.68
CA ARG A 332 7.34 -6.87 24.33
CA ARG A 332 7.34 -6.87 24.34
C ARG A 332 6.79 -5.87 23.33
N LYS A 333 7.61 -5.44 22.37
CA LYS A 333 7.14 -4.51 21.36
C LYS A 333 6.02 -5.11 20.54
N ALA A 334 6.19 -6.34 20.08
CA ALA A 334 5.22 -6.98 19.23
C ALA A 334 3.92 -7.31 20.00
N ALA A 335 4.08 -7.71 21.26
CA ALA A 335 2.93 -8.00 22.11
C ALA A 335 2.08 -6.76 22.31
N ALA A 336 2.74 -5.61 22.44
CA ALA A 336 2.05 -4.33 22.58
C ALA A 336 1.25 -3.99 21.33
N LYS A 337 1.72 -4.48 20.18
CA LYS A 337 1.01 -4.25 18.93
C LYS A 337 -0.06 -5.29 18.68
N GLY A 338 -0.17 -6.27 19.58
CA GLY A 338 -1.21 -7.26 19.50
C GLY A 338 -0.85 -8.57 18.80
N GLU A 339 0.43 -8.79 18.53
CA GLU A 339 0.83 -10.02 17.83
C GLU A 339 0.75 -11.20 18.79
N LYS A 340 -0.17 -12.12 18.50
CA LYS A 340 -0.44 -13.23 19.42
C LYS A 340 0.76 -14.14 19.68
N ALA A 341 1.59 -14.38 18.68
CA ALA A 341 2.76 -15.25 18.88
C ALA A 341 3.74 -14.59 19.84
N ALA A 342 3.85 -13.27 19.76
CA ALA A 342 4.73 -12.52 20.66
C ALA A 342 4.19 -12.52 22.08
N GLN A 343 2.86 -12.38 22.21
CA GLN A 343 2.25 -12.42 23.52
C GLN A 343 2.49 -13.79 24.18
N PHE A 344 2.32 -14.84 23.39
CA PHE A 344 2.59 -16.21 23.81
C PHE A 344 4.06 -16.38 24.21
N ASN A 345 4.96 -15.91 23.35
CA ASN A 345 6.38 -16.10 23.63
C ASN A 345 6.82 -15.32 24.87
N LEU A 346 6.26 -14.13 25.05
CA LEU A 346 6.53 -13.31 26.22
C LEU A 346 5.98 -13.99 27.48
N GLY A 347 4.76 -14.52 27.38
CA GLY A 347 4.19 -15.26 28.48
C GLY A 347 5.09 -16.40 28.95
N ASN A 348 5.60 -17.19 28.01
CA ASN A 348 6.46 -18.30 28.37
C ASN A 348 7.81 -17.84 28.91
N ALA A 349 8.30 -16.72 28.41
CA ALA A 349 9.54 -16.16 28.92
C ALA A 349 9.37 -15.81 30.39
N LEU A 350 8.23 -15.18 30.70
CA LEU A 350 7.92 -14.74 32.05
C LEU A 350 7.65 -15.93 32.99
N LEU A 351 7.13 -17.02 32.45
CA LEU A 351 6.96 -18.23 33.27
C LEU A 351 8.27 -18.88 33.67
N GLN A 352 9.27 -18.78 32.80
CA GLN A 352 10.55 -19.44 33.01
C GLN A 352 11.57 -18.53 33.64
N GLY A 353 11.37 -17.22 33.54
CA GLY A 353 12.43 -16.28 33.86
C GLY A 353 13.56 -16.37 32.84
N LYS A 354 13.21 -16.59 31.57
CA LYS A 354 14.19 -16.64 30.49
C LYS A 354 14.28 -15.29 29.79
N GLY A 355 15.44 -14.65 29.89
CA GLY A 355 15.63 -13.34 29.28
C GLY A 355 14.94 -12.22 30.05
N VAL A 356 14.39 -12.54 31.21
CA VAL A 356 13.59 -11.59 31.97
C VAL A 356 13.37 -12.20 33.34
N LYS A 357 13.10 -11.38 34.35
CA LYS A 357 12.81 -11.92 35.67
C LYS A 357 11.48 -12.66 35.64
N LYS A 358 11.46 -13.84 36.25
CA LYS A 358 10.25 -14.65 36.33
C LYS A 358 9.12 -13.87 36.99
N ASP A 359 7.95 -13.89 36.36
CA ASP A 359 6.77 -13.21 36.87
C ASP A 359 5.52 -13.94 36.37
N GLU A 360 5.02 -14.87 37.18
CA GLU A 360 3.91 -15.72 36.76
C GLU A 360 2.59 -14.97 36.59
N GLN A 361 2.35 -13.95 37.40
CA GLN A 361 1.14 -13.16 37.26
CA GLN A 361 1.14 -13.15 37.28
C GLN A 361 1.12 -12.42 35.94
N GLN A 362 2.23 -11.81 35.56
CA GLN A 362 2.30 -11.14 34.27
CA GLN A 362 2.31 -11.15 34.26
C GLN A 362 2.26 -12.17 33.14
N ALA A 363 2.88 -13.32 33.35
CA ALA A 363 2.87 -14.38 32.34
C ALA A 363 1.43 -14.75 31.97
N ALA A 364 0.58 -14.89 32.98
CA ALA A 364 -0.80 -15.30 32.78
C ALA A 364 -1.58 -14.25 31.99
N ILE A 365 -1.25 -12.99 32.20
CA ILE A 365 -1.94 -11.90 31.49
C ILE A 365 -1.64 -11.96 30.00
N TRP A 366 -0.37 -12.08 29.64
CA TRP A 366 0.00 -12.18 28.24
C TRP A 366 -0.53 -13.47 27.61
N MSE A 367 -0.48 -14.56 28.38
CA MSE A 367 -0.95 -15.84 27.88
C MSE A 367 -2.43 -15.77 27.52
O MSE A 367 -2.86 -16.33 26.51
CB MSE A 367 -0.73 -16.95 28.91
CG MSE A 367 -0.56 -18.31 28.27
SE MSE A 367 1.15 -18.40 27.29
CE MSE A 367 2.31 -18.54 28.83
N ARG A 368 -3.21 -15.08 28.35
CA ARG A 368 -4.64 -14.95 28.12
C ARG A 368 -4.88 -14.10 26.88
N LYS A 369 -4.08 -13.05 26.70
CA LYS A 369 -4.24 -12.23 25.50
C LYS A 369 -4.01 -13.05 24.23
N ALA A 370 -3.01 -13.92 24.24
CA ALA A 370 -2.74 -14.78 23.10
C ALA A 370 -3.84 -15.83 22.91
N ALA A 371 -4.29 -16.41 24.02
CA ALA A 371 -5.32 -17.44 23.98
C ALA A 371 -6.61 -16.88 23.40
N GLU A 372 -6.93 -15.64 23.74
CA GLU A 372 -8.15 -15.01 23.25
C GLU A 372 -8.09 -14.69 21.75
N GLN A 373 -6.89 -14.69 21.19
CA GLN A 373 -6.73 -14.47 19.75
C GLN A 373 -6.65 -15.78 18.99
N GLY A 374 -6.96 -16.88 19.66
CA GLY A 374 -7.08 -18.16 19.00
C GLY A 374 -5.82 -19.00 18.86
N LEU A 375 -4.76 -18.63 19.57
CA LEU A 375 -3.53 -19.41 19.49
C LEU A 375 -3.64 -20.61 20.43
N SER A 376 -3.71 -21.81 19.87
CA SER A 376 -3.99 -22.98 20.68
C SER A 376 -2.84 -23.27 21.65
N ALA A 377 -1.61 -22.99 21.22
CA ALA A 377 -0.46 -23.18 22.10
C ALA A 377 -0.61 -22.36 23.38
N ALA A 378 -1.17 -21.15 23.25
CA ALA A 378 -1.40 -20.29 24.41
C ALA A 378 -2.57 -20.80 25.24
N GLN A 379 -3.57 -21.36 24.57
CA GLN A 379 -4.70 -21.95 25.25
C GLN A 379 -4.24 -23.13 26.11
N VAL A 380 -3.32 -23.94 25.58
CA VAL A 380 -2.72 -25.03 26.37
C VAL A 380 -1.99 -24.49 27.59
N GLN A 381 -1.12 -23.50 27.40
CA GLN A 381 -0.34 -22.97 28.52
C GLN A 381 -1.21 -22.27 29.55
N LEU A 382 -2.25 -21.59 29.09
CA LEU A 382 -3.14 -20.93 30.03
C LEU A 382 -3.86 -22.01 30.85
N GLY A 383 -4.21 -23.10 30.20
CA GLY A 383 -4.82 -24.23 30.89
C GLY A 383 -3.90 -24.79 31.96
N GLU A 384 -2.62 -24.91 31.66
CA GLU A 384 -1.67 -25.43 32.64
C GLU A 384 -1.43 -24.43 33.75
N ILE A 385 -1.48 -23.14 33.42
CA ILE A 385 -1.41 -22.09 34.42
C ILE A 385 -2.54 -22.28 35.43
N TYR A 386 -3.75 -22.58 34.95
CA TYR A 386 -4.86 -22.84 35.87
C TYR A 386 -4.72 -24.19 36.58
N TYR A 387 -4.19 -25.19 35.90
CA TYR A 387 -4.04 -26.52 36.47
C TYR A 387 -3.09 -26.50 37.67
N TYR A 388 -1.98 -25.78 37.54
CA TYR A 388 -0.94 -25.73 38.57
C TYR A 388 -1.00 -24.48 39.45
N GLY A 389 -1.87 -23.55 39.12
CA GLY A 389 -1.99 -22.32 39.90
C GLY A 389 -0.77 -21.42 39.84
N LEU A 390 -0.35 -21.09 38.61
CA LEU A 390 0.83 -20.26 38.38
C LEU A 390 0.46 -18.82 38.06
N GLY A 391 0.46 -17.96 39.08
CA GLY A 391 0.06 -16.58 38.89
C GLY A 391 -1.44 -16.42 38.86
N VAL A 392 -2.13 -17.52 39.16
CA VAL A 392 -3.58 -17.53 39.36
C VAL A 392 -3.90 -18.58 40.40
N GLU A 393 -5.11 -18.55 40.94
CA GLU A 393 -5.52 -19.60 41.84
C GLU A 393 -5.83 -20.83 41.01
N ARG A 394 -5.41 -21.99 41.49
CA ARG A 394 -5.64 -23.24 40.78
C ARG A 394 -7.14 -23.43 40.53
N ASP A 395 -7.48 -23.88 39.32
CA ASP A 395 -8.88 -24.04 38.93
C ASP A 395 -8.97 -25.09 37.82
N TYR A 396 -9.41 -26.28 38.17
CA TYR A 396 -9.43 -27.38 37.22
C TYR A 396 -10.53 -27.23 36.18
N VAL A 397 -11.57 -26.47 36.52
CA VAL A 397 -12.65 -26.23 35.58
C VAL A 397 -12.14 -25.33 34.45
N GLN A 398 -11.47 -24.25 34.81
CA GLN A 398 -10.82 -23.38 33.83
CA GLN A 398 -10.87 -23.38 33.81
C GLN A 398 -9.79 -24.14 33.03
N ALA A 399 -8.99 -24.96 33.71
CA ALA A 399 -7.98 -25.76 33.03
C ALA A 399 -8.59 -26.65 31.95
N TRP A 400 -9.60 -27.41 32.34
CA TRP A 400 -10.27 -28.30 31.41
C TRP A 400 -10.82 -27.53 30.22
N ALA A 401 -11.45 -26.40 30.50
CA ALA A 401 -12.08 -25.61 29.45
C ALA A 401 -11.04 -25.12 28.44
N TRP A 402 -9.90 -24.63 28.91
CA TRP A 402 -8.88 -24.14 27.98
C TRP A 402 -8.26 -25.28 27.19
N PHE A 403 -8.08 -26.44 27.84
CA PHE A 403 -7.53 -27.59 27.14
C PHE A 403 -8.46 -28.07 26.04
N ASP A 404 -9.76 -28.14 26.35
CA ASP A 404 -10.73 -28.59 25.37
C ASP A 404 -10.84 -27.58 24.22
N THR A 405 -10.71 -26.29 24.56
CA THR A 405 -10.70 -25.26 23.53
C THR A 405 -9.53 -25.47 22.57
N ALA A 406 -8.35 -25.71 23.12
CA ALA A 406 -7.15 -25.92 22.31
C ALA A 406 -7.31 -27.16 21.43
N SER A 407 -7.82 -28.24 22.03
CA SER A 407 -8.06 -29.49 21.31
C SER A 407 -9.00 -29.29 20.12
N THR A 408 -10.08 -28.56 20.34
CA THR A 408 -11.11 -28.36 19.33
C THR A 408 -10.63 -27.36 18.27
N ASN A 409 -9.84 -26.40 18.73
CA ASN A 409 -9.34 -25.31 17.91
C ASN A 409 -8.64 -25.84 16.67
N ASP A 410 -7.56 -26.59 16.88
CA ASP A 410 -6.74 -27.04 15.75
C ASP A 410 -6.06 -28.38 16.04
N MSE A 411 -6.78 -29.23 16.77
N MSE A 411 -6.75 -29.23 16.79
CA MSE A 411 -6.32 -30.56 17.15
CA MSE A 411 -6.28 -30.59 17.06
C MSE A 411 -4.93 -30.53 17.76
C MSE A 411 -5.01 -30.65 17.90
O MSE A 411 -4.03 -31.28 17.40
O MSE A 411 -4.26 -31.62 17.83
CB MSE A 411 -6.40 -31.53 15.97
CB MSE A 411 -6.05 -31.35 15.74
CG MSE A 411 -7.84 -31.83 15.59
CG MSE A 411 -7.20 -31.23 14.75
SE MSE A 411 -8.01 -33.06 14.10
SE MSE A 411 -6.84 -32.17 13.06
CE MSE A 411 -7.00 -32.05 12.76
CE MSE A 411 -6.55 -33.96 13.74
N ASN A 412 -4.77 -29.61 18.71
CA ASN A 412 -3.58 -29.56 19.54
C ASN A 412 -3.55 -30.79 20.45
N LEU A 413 -2.56 -31.65 20.23
CA LEU A 413 -2.43 -32.92 20.94
C LEU A 413 -2.22 -32.73 22.44
N PHE A 414 -1.55 -31.66 22.82
CA PHE A 414 -1.33 -31.41 24.24
C PHE A 414 -2.63 -30.97 24.90
N GLY A 415 -3.44 -30.19 24.19
CA GLY A 415 -4.78 -29.87 24.68
C GLY A 415 -5.62 -31.12 24.92
N THR A 416 -5.64 -32.00 23.94
CA THR A 416 -6.41 -33.25 24.06
C THR A 416 -5.96 -34.09 25.25
N GLU A 417 -4.65 -34.31 25.37
CA GLU A 417 -4.12 -35.14 26.44
C GLU A 417 -4.36 -34.49 27.81
N ASN A 418 -4.07 -33.20 27.91
CA ASN A 418 -4.31 -32.48 29.15
C ASN A 418 -5.79 -32.46 29.56
N ARG A 419 -6.68 -32.32 28.59
CA ARG A 419 -8.11 -32.36 28.89
C ARG A 419 -8.47 -33.73 29.49
N ASN A 420 -8.01 -34.79 28.84
CA ASN A 420 -8.31 -36.14 29.31
C ASN A 420 -7.77 -36.40 30.71
N ILE A 421 -6.59 -35.86 31.01
CA ILE A 421 -5.98 -36.02 32.32
C ILE A 421 -6.76 -35.24 33.37
N THR A 422 -7.17 -34.02 33.02
CA THR A 422 -7.82 -33.12 33.97
C THR A 422 -9.23 -33.62 34.31
N GLU A 423 -9.85 -34.33 33.37
CA GLU A 423 -11.24 -34.71 33.52
C GLU A 423 -11.47 -35.56 34.78
N LYS A 424 -10.50 -36.40 35.12
CA LYS A 424 -10.65 -37.28 36.26
CA LYS A 424 -10.63 -37.29 36.26
C LYS A 424 -10.65 -36.50 37.57
N LYS A 425 -10.18 -35.26 37.51
CA LYS A 425 -10.14 -34.39 38.69
C LYS A 425 -11.51 -33.75 38.96
N LEU A 426 -12.43 -33.82 37.99
CA LEU A 426 -13.69 -33.09 38.10
C LEU A 426 -14.87 -33.95 38.56
N THR A 427 -15.72 -33.36 39.39
CA THR A 427 -17.04 -33.92 39.65
C THR A 427 -17.91 -33.84 38.40
N ALA A 428 -19.01 -34.56 38.42
CA ALA A 428 -19.93 -34.57 37.29
C ALA A 428 -20.42 -33.15 36.99
N LYS A 429 -20.68 -32.38 38.04
CA LYS A 429 -21.18 -31.02 37.88
C LYS A 429 -20.06 -30.09 37.39
N GLN A 430 -18.86 -30.25 37.93
CA GLN A 430 -17.73 -29.47 37.47
C GLN A 430 -17.49 -29.73 35.98
N LEU A 431 -17.71 -30.97 35.56
CA LEU A 431 -17.48 -31.31 34.15
C LEU A 431 -18.53 -30.62 33.28
N GLN A 432 -19.77 -30.60 33.76
CA GLN A 432 -20.84 -29.89 33.07
C GLN A 432 -20.49 -28.42 32.94
N GLN A 433 -20.01 -27.84 34.04
CA GLN A 433 -19.62 -26.44 34.05
C GLN A 433 -18.43 -26.18 33.12
N ALA A 434 -17.47 -27.09 33.11
CA ALA A 434 -16.30 -26.93 32.24
C ALA A 434 -16.67 -27.05 30.75
N GLU A 435 -17.61 -27.94 30.45
CA GLU A 435 -18.07 -28.13 29.08
C GLU A 435 -18.79 -26.88 28.59
N LEU A 436 -19.63 -26.30 29.46
CA LEU A 436 -20.30 -25.06 29.11
C LEU A 436 -19.31 -23.93 28.91
N LEU A 437 -18.30 -23.88 29.78
CA LEU A 437 -17.29 -22.85 29.69
C LEU A 437 -16.49 -23.03 28.40
N SER A 438 -16.18 -24.26 28.02
CA SER A 438 -15.41 -24.46 26.80
C SER A 438 -16.24 -24.06 25.57
N GLN A 439 -17.54 -24.32 25.60
CA GLN A 439 -18.42 -23.91 24.50
CA GLN A 439 -18.40 -23.91 24.50
C GLN A 439 -18.33 -22.39 24.32
N GLN A 440 -18.30 -21.66 25.44
CA GLN A 440 -18.20 -20.22 25.38
CA GLN A 440 -18.18 -20.21 25.39
C GLN A 440 -16.84 -19.80 24.82
N TYR A 441 -15.77 -20.44 25.31
CA TYR A 441 -14.42 -20.09 24.88
C TYR A 441 -14.19 -20.42 23.42
N ILE A 442 -14.74 -21.55 22.99
CA ILE A 442 -14.57 -21.94 21.60
C ILE A 442 -15.27 -20.95 20.67
N GLU A 443 -16.48 -20.53 21.02
CA GLU A 443 -17.21 -19.59 20.17
C GLU A 443 -16.48 -18.24 20.09
N LYS A 444 -15.99 -17.75 21.23
CA LYS A 444 -15.34 -16.45 21.28
C LYS A 444 -13.89 -16.47 20.81
N TYR A 445 -13.15 -17.51 21.17
CA TYR A 445 -11.69 -17.51 21.02
C TYR A 445 -11.14 -18.59 20.10
N ALA A 446 -12.02 -19.40 19.51
CA ALA A 446 -11.64 -20.27 18.41
C ALA A 446 -12.77 -20.29 17.39
N PRO A 447 -13.14 -19.11 16.89
CA PRO A 447 -14.34 -18.95 16.06
C PRO A 447 -14.34 -19.77 14.77
N GLU A 448 -13.19 -19.97 14.15
CA GLU A 448 -13.13 -20.81 12.95
C GLU A 448 -13.52 -22.24 13.30
N ALA A 449 -13.04 -22.72 14.44
CA ALA A 449 -13.36 -24.06 14.90
C ALA A 449 -14.84 -24.14 15.30
N TRP A 450 -15.33 -23.08 15.94
CA TRP A 450 -16.74 -23.01 16.32
CA TRP A 450 -16.73 -23.01 16.33
C TRP A 450 -17.63 -23.20 15.10
N ALA A 451 -17.30 -22.50 14.03
CA ALA A 451 -18.11 -22.56 12.81
C ALA A 451 -18.09 -23.96 12.21
N ARG A 452 -16.90 -24.57 12.17
CA ARG A 452 -16.75 -25.92 11.66
CA ARG A 452 -16.73 -25.92 11.67
C ARG A 452 -17.62 -26.89 12.44
N MSE A 453 -17.59 -26.76 13.76
CA MSE A 453 -18.34 -27.66 14.61
CA MSE A 453 -18.34 -27.63 14.65
C MSE A 453 -19.85 -27.44 14.47
O MSE A 453 -20.61 -28.41 14.44
CB MSE A 453 -17.89 -27.55 16.07
CB MSE A 453 -17.92 -27.33 16.10
CG MSE A 453 -16.44 -27.96 16.30
CG MSE A 453 -18.71 -28.04 17.18
SE MSE A 453 -16.05 -29.87 16.03
SE MSE A 453 -17.87 -27.77 18.93
CE MSE A 453 -15.41 -29.84 14.20
CE MSE A 453 -16.34 -28.93 18.67
N GLN A 454 -20.29 -26.19 14.35
CA GLN A 454 -21.72 -25.89 14.23
C GLN A 454 -22.30 -26.46 12.94
N LYS A 455 -21.52 -26.41 11.87
CA LYS A 455 -22.01 -26.86 10.58
C LYS A 455 -22.12 -28.38 10.49
N LEU A 456 -21.35 -29.07 11.33
CA LEU A 456 -21.32 -30.54 11.34
C LEU A 456 -22.17 -31.19 12.43
N LYS A 457 -22.51 -30.44 13.47
CA LYS A 457 -23.17 -31.03 14.64
C LYS A 457 -24.48 -31.70 14.28
N ALA A 458 -24.79 -32.77 14.99
CA ALA A 458 -26.07 -33.45 14.82
C ALA A 458 -27.16 -32.51 15.28
N GLN A 459 -28.24 -32.46 14.52
CA GLN A 459 -29.39 -31.66 14.89
C GLN A 459 -30.61 -32.52 15.12
N SER A 460 -31.43 -32.07 16.05
CA SER A 460 -32.68 -32.75 16.36
C SER A 460 -33.71 -32.47 15.29
N ALA A 461 -34.62 -33.42 15.11
CA ALA A 461 -35.77 -33.24 14.25
C ALA A 461 -36.91 -32.61 15.04
N VAL A 462 -37.90 -32.10 14.33
CA VAL A 462 -39.11 -31.58 14.94
C VAL A 462 -40.29 -32.33 14.36
N LYS A 463 -41.23 -32.68 15.23
CA LYS A 463 -42.38 -33.47 14.80
C LYS A 463 -43.49 -32.55 14.30
N THR A 464 -43.94 -32.81 13.08
CA THR A 464 -45.01 -32.00 12.48
C THR A 464 -46.37 -32.56 12.90
N GLY A 465 -47.33 -31.67 13.11
CA GLY A 465 -48.66 -32.05 13.54
C GLY A 465 -49.50 -32.58 12.40
N ASN A 466 -50.21 -33.69 12.65
CA ASN A 466 -50.97 -34.37 11.61
C ASN A 466 -52.36 -34.81 12.05
N LYS A 467 -53.14 -35.21 11.05
CA LYS A 467 -54.56 -35.60 11.20
C LYS A 467 -55.44 -34.37 11.09
MG MG B . -2.64 22.23 -4.95
CL CL C . -0.07 19.15 -26.32
CL CL D . 4.65 -15.68 7.24
C1 EDO E . 3.94 -26.58 -6.77
O1 EDO E . 4.99 -26.48 -7.73
C2 EDO E . 4.51 -27.21 -5.53
O2 EDO E . 3.67 -26.93 -4.41
C1 EDO F . 17.71 -20.12 10.31
O1 EDO F . 16.97 -21.34 10.28
C2 EDO F . 17.13 -19.19 11.37
O2 EDO F . 17.11 -19.88 12.62
C1 EDO G . -18.30 15.48 -0.84
O1 EDO G . -17.86 14.51 0.12
C2 EDO G . -17.83 16.86 -0.43
O2 EDO G . -16.39 16.86 -0.38
C1 EDO H . 17.52 -14.35 -12.13
O1 EDO H . 16.49 -15.26 -11.72
C2 EDO H . 18.88 -14.92 -11.77
O2 EDO H . 19.12 -16.10 -12.54
C1 EDO I . 20.13 -20.05 -2.34
O1 EDO I . 20.05 -18.67 -1.98
C2 EDO I . 20.43 -20.86 -1.09
O2 EDO I . 20.66 -22.23 -1.39
C1 EDO J . -31.77 -27.47 17.10
O1 EDO J . -32.53 -28.18 16.12
C2 EDO J . -30.47 -28.20 17.41
O2 EDO J . -30.70 -29.61 17.51
C1 EDO K . -1.63 -30.60 33.05
O1 EDO K . -0.22 -30.71 32.87
C2 EDO K . -2.22 -31.97 33.34
O2 EDO K . -1.98 -32.82 32.22
C1 EDO L . -0.36 22.15 -9.95
O1 EDO L . 0.68 22.01 -10.92
C2 EDO L . -1.72 21.90 -10.62
O2 EDO L . -2.08 20.52 -10.52
C1 EDO M . -8.57 -0.40 -20.19
O1 EDO M . -9.79 -0.11 -19.50
C2 EDO M . -8.66 -1.79 -20.78
O2 EDO M . -7.35 -2.30 -21.04
C1 EDO N . 3.00 -24.89 33.28
O1 EDO N . 3.21 -26.31 33.18
C2 EDO N . 3.42 -24.22 31.97
O2 EDO N . 4.77 -24.59 31.64
C1 EDO O . 5.04 -1.96 9.87
O1 EDO O . 4.67 -3.31 9.55
C2 EDO O . 4.53 -1.04 8.77
O2 EDO O . 4.90 -1.57 7.49
C1 EDO P . -14.14 17.50 -21.64
O1 EDO P . -13.02 17.02 -22.40
C2 EDO P . -15.32 17.78 -22.56
O2 EDO P . -16.42 18.15 -21.72
C1 EDO Q . -15.47 21.10 -20.13
O1 EDO Q . -14.08 20.94 -19.81
C2 EDO Q . -16.21 21.73 -18.95
O2 EDO Q . -15.98 23.15 -18.94
C1 EDO R . 13.62 -11.09 -10.46
O1 EDO R . 14.58 -12.08 -10.86
C2 EDO R . 14.34 -9.79 -10.16
O2 EDO R . 15.28 -9.54 -11.22
C1 EDO S . 5.30 -18.82 3.85
O1 EDO S . 6.54 -18.97 3.14
C2 EDO S . 4.85 -17.37 3.70
O2 EDO S . 6.01 -16.54 3.75
C1 EDO T . 2.29 -26.37 -11.92
O1 EDO T . 2.44 -25.01 -12.33
C2 EDO T . 1.52 -26.46 -10.61
O2 EDO T . 2.40 -26.72 -9.53
C1 EDO U . -5.10 32.50 -1.24
O1 EDO U . -5.57 31.78 -2.38
C2 EDO U . -3.59 32.61 -1.29
O2 EDO U . -3.03 31.31 -1.52
C1 EDO V . 15.04 -3.70 20.55
O1 EDO V . 14.56 -2.97 21.68
C2 EDO V . 15.66 -5.01 21.03
O2 EDO V . 16.72 -4.73 21.95
C1 EDO W . 8.51 -26.23 -0.93
O1 EDO W . 9.61 -25.79 -0.15
C2 EDO W . 8.13 -25.19 -1.97
O2 EDO W . 9.33 -24.60 -2.47
C1 EDO X . -0.01 -29.76 18.76
O1 EDO X . -0.37 -31.09 18.37
C2 EDO X . 1.51 -29.60 18.81
O2 EDO X . 1.90 -28.62 17.86
C1 EDO Y . -17.32 20.19 -13.68
O1 EDO Y . -18.54 19.44 -13.53
C2 EDO Y . -16.67 19.83 -15.00
O2 EDO Y . -17.59 20.05 -16.08
C1 EDO Z . -14.85 -24.33 7.72
O1 EDO Z . -15.92 -23.99 8.61
C2 EDO Z . -15.24 -25.58 6.94
O2 EDO Z . -15.76 -25.14 5.68
C1 EDO AA . 8.61 2.23 3.48
O1 EDO AA . 7.49 2.77 4.22
C2 EDO AA . 8.17 1.11 2.55
O2 EDO AA . 8.97 1.08 1.38
C1 EDO BA . 0.90 -11.25 0.82
O1 EDO BA . 1.05 -11.72 2.16
C2 EDO BA . -0.57 -11.33 0.44
O2 EDO BA . -1.32 -10.45 1.28
C1 EDO CA . -18.78 -1.97 -1.82
O1 EDO CA . -18.02 -2.24 -0.64
C2 EDO CA . -17.90 -2.22 -3.03
O2 EDO CA . -18.66 -2.18 -4.24
C1 EDO DA . 10.86 40.77 -14.33
O1 EDO DA . 10.68 41.39 -15.60
C2 EDO DA . 11.98 39.74 -14.43
O2 EDO DA . 13.03 40.23 -15.27
C1 EDO EA . 5.56 -13.14 -14.14
O1 EDO EA . 5.86 -12.46 -15.36
C2 EDO EA . 6.78 -13.12 -13.22
O2 EDO EA . 7.49 -11.88 -13.36
C1 EDO FA . 6.46 -23.20 34.12
O1 EDO FA . 6.65 -23.48 35.51
C2 EDO FA . 7.51 -23.94 33.30
O2 EDO FA . 8.80 -23.42 33.64
C1 EDO GA . -15.65 -22.04 38.68
O1 EDO GA . -14.94 -22.12 39.92
C2 EDO GA . -14.64 -22.03 37.55
O2 EDO GA . -13.86 -20.83 37.64
#